data_5A3U
#
_entry.id   5A3U
#
_cell.length_a   154.939
_cell.length_b   154.939
_cell.length_c   85.401
_cell.angle_alpha   90.00
_cell.angle_beta   90.00
_cell.angle_gamma   120.00
#
_symmetry.space_group_name_H-M   'P 32 1 2'
#
loop_
_entity.id
_entity.type
_entity.pdbx_description
1 polymer 'EGL NINE HOMOLOG 1'
2 non-polymer 'MANGANESE (II) ION'
3 non-polymer '6-(5-oxo-4-(1H-1,2,3-triazol-1-yl)-2,5-dihydro-1H-pyrazol-1-yl)nicotinic acid'
#
_entity_poly.entity_id   1
_entity_poly.type   'polypeptide(L)'
_entity_poly.pdbx_seq_one_letter_code
;GSHMASPNGQTKPLPALKLALEYIVPCMNKHGICVVDDFLGKETGQQIGDEVRALHDTGKFTDGQLVSQKSDSSKDIRGD
KITWIEGKEPGCETIGLLMSSMDDLIRHCNGKLGSYKINGRTKAMVACYPGNGTGYVRHVDNPNGDGRCVTCIYYLNKDW
DAKVSGGILRIFPEGKAQFADIEPKFDRLLFFWSDRRNPHEVQPAYATRYAITVWYFDADERARAKVKYLTGEKGVRVEL
NKPSDSVGKDVF
;
_entity_poly.pdbx_strand_id   A,B,C
#
loop_
_chem_comp.id
_chem_comp.type
_chem_comp.name
_chem_comp.formula
MN non-polymer 'MANGANESE (II) ION' 'Mn 2'
R8J non-polymer '6-(5-oxo-4-(1H-1,2,3-triazol-1-yl)-2,5-dihydro-1H-pyrazol-1-yl)nicotinic acid' 'C11 H8 N6 O3'
#
# COMPACT_ATOMS: atom_id res chain seq x y z
N GLN A 10 22.78 28.37 -21.63
CA GLN A 10 23.10 26.96 -21.56
C GLN A 10 22.86 26.40 -20.16
N THR A 11 23.43 25.23 -19.88
CA THR A 11 23.30 24.57 -18.58
C THR A 11 24.33 25.14 -17.61
N LYS A 12 24.08 24.96 -16.32
CA LYS A 12 25.00 25.41 -15.28
C LYS A 12 26.20 24.46 -15.23
N PRO A 13 27.43 24.99 -15.06
CA PRO A 13 28.60 24.12 -14.92
C PRO A 13 28.48 23.14 -13.75
N LEU A 14 28.75 21.86 -13.98
CA LEU A 14 28.68 20.86 -12.90
C LEU A 14 30.04 20.25 -12.60
N PRO A 15 30.71 20.74 -11.55
CA PRO A 15 31.99 20.15 -11.12
C PRO A 15 31.77 18.80 -10.45
N ALA A 16 31.18 17.88 -11.21
CA ALA A 16 30.80 16.55 -10.72
C ALA A 16 31.82 15.93 -9.77
N LEU A 17 33.10 16.13 -10.06
CA LEU A 17 34.16 15.51 -9.26
C LEU A 17 34.20 16.08 -7.85
N LYS A 18 34.34 17.41 -7.75
CA LYS A 18 34.38 18.07 -6.46
C LYS A 18 33.08 17.86 -5.69
N LEU A 19 31.96 18.07 -6.37
CA LEU A 19 30.65 17.95 -5.74
C LEU A 19 30.42 16.54 -5.20
N ALA A 20 30.92 15.54 -5.92
CA ALA A 20 30.85 14.17 -5.46
C ALA A 20 31.75 13.97 -4.25
N LEU A 21 33.06 14.14 -4.45
CA LEU A 21 34.02 13.80 -3.41
C LEU A 21 33.99 14.71 -2.18
N GLU A 22 33.89 16.02 -2.38
CA GLU A 22 33.98 16.96 -1.27
C GLU A 22 32.65 17.20 -0.54
N TYR A 23 31.53 16.88 -1.17
CA TYR A 23 30.22 17.15 -0.58
C TYR A 23 29.28 15.93 -0.50
N ILE A 24 28.87 15.40 -1.64
CA ILE A 24 27.87 14.33 -1.67
C ILE A 24 28.25 13.10 -0.85
N VAL A 25 29.42 12.53 -1.13
CA VAL A 25 29.88 11.32 -0.44
C VAL A 25 29.84 11.47 1.10
N PRO A 26 30.57 12.46 1.65
CA PRO A 26 30.55 12.57 3.12
C PRO A 26 29.15 12.84 3.67
N CYS A 27 28.39 13.67 2.96
CA CYS A 27 27.02 13.99 3.34
C CYS A 27 26.17 12.72 3.47
N MET A 28 26.20 11.93 2.41
CA MET A 28 25.49 10.65 2.37
C MET A 28 25.95 9.72 3.49
N ASN A 29 27.26 9.55 3.61
CA ASN A 29 27.80 8.68 4.65
C ASN A 29 27.38 9.11 6.05
N LYS A 30 27.44 10.40 6.32
CA LYS A 30 27.08 10.90 7.65
C LYS A 30 25.59 10.82 7.93
N HIS A 31 24.78 11.37 7.02
CA HIS A 31 23.34 11.52 7.26
C HIS A 31 22.48 10.48 6.57
N GLY A 32 22.87 10.11 5.35
CA GLY A 32 22.12 9.19 4.53
C GLY A 32 21.12 9.90 3.65
N ILE A 33 21.18 11.22 3.66
CA ILE A 33 20.34 12.06 2.81
C ILE A 33 21.18 13.22 2.32
N CYS A 34 21.10 13.51 1.02
CA CYS A 34 21.85 14.63 0.47
C CYS A 34 21.03 15.40 -0.56
N VAL A 35 20.91 16.71 -0.34
CA VAL A 35 20.17 17.59 -1.23
C VAL A 35 21.12 18.43 -2.06
N VAL A 36 20.79 18.63 -3.34
CA VAL A 36 21.57 19.49 -4.22
C VAL A 36 20.63 20.43 -4.97
N ASP A 37 20.69 21.72 -4.64
CA ASP A 37 19.80 22.72 -5.22
C ASP A 37 20.43 23.41 -6.41
N ASP A 38 19.59 24.01 -7.24
CA ASP A 38 20.05 24.66 -8.47
C ASP A 38 20.95 23.71 -9.25
N PHE A 39 20.42 22.53 -9.53
CA PHE A 39 21.20 21.45 -10.12
C PHE A 39 21.56 21.69 -11.59
N LEU A 40 20.60 22.22 -12.35
CA LEU A 40 20.78 22.42 -13.79
C LEU A 40 20.46 23.84 -14.25
N GLY A 41 20.01 24.67 -13.33
CA GLY A 41 19.66 26.03 -13.66
C GLY A 41 18.28 26.16 -14.30
N LYS A 42 17.69 27.34 -14.16
CA LYS A 42 16.38 27.66 -14.72
C LYS A 42 16.23 27.22 -16.17
N GLU A 43 17.25 27.55 -16.96
CA GLU A 43 17.27 27.25 -18.39
C GLU A 43 16.89 25.81 -18.70
N THR A 44 17.68 24.88 -18.17
CA THR A 44 17.43 23.46 -18.41
C THR A 44 16.20 22.98 -17.64
N GLY A 45 16.05 23.47 -16.42
CA GLY A 45 14.95 23.08 -15.57
C GLY A 45 13.57 23.28 -16.20
N GLN A 46 13.28 24.50 -16.62
CA GLN A 46 11.99 24.78 -17.26
C GLN A 46 11.83 23.91 -18.51
N GLN A 47 12.94 23.70 -19.19
CA GLN A 47 12.98 22.87 -20.39
C GLN A 47 12.48 21.47 -20.06
N ILE A 48 13.05 20.86 -19.03
CA ILE A 48 12.59 19.55 -18.60
C ILE A 48 11.11 19.65 -18.21
N GLY A 49 10.75 20.77 -17.59
CA GLY A 49 9.35 21.10 -17.33
C GLY A 49 8.49 20.81 -18.54
N ASP A 50 8.81 21.49 -19.64
CA ASP A 50 8.10 21.28 -20.90
C ASP A 50 8.19 19.83 -21.37
N GLU A 51 9.41 19.27 -21.37
CA GLU A 51 9.63 17.91 -21.84
C GLU A 51 8.71 16.90 -21.16
N VAL A 52 8.55 17.05 -19.85
CA VAL A 52 7.69 16.15 -19.08
C VAL A 52 6.21 16.49 -19.29
N ARG A 53 5.86 17.77 -19.24
CA ARG A 53 4.48 18.16 -19.51
C ARG A 53 4.05 17.74 -20.92
N ALA A 54 5.04 17.55 -21.81
CA ALA A 54 4.78 17.06 -23.16
C ALA A 54 4.33 15.60 -23.15
N LEU A 55 5.06 14.75 -22.42
CA LEU A 55 4.74 13.32 -22.35
C LEU A 55 3.34 13.12 -21.79
N HIS A 56 2.84 14.12 -21.07
CA HIS A 56 1.48 14.10 -20.56
C HIS A 56 0.55 13.88 -21.74
N ASP A 57 0.87 14.50 -22.87
CA ASP A 57 0.08 14.40 -24.09
C ASP A 57 0.52 13.33 -25.09
N THR A 58 1.76 13.42 -25.56
CA THR A 58 2.31 12.47 -26.53
C THR A 58 2.07 11.02 -26.13
N ASP A 80 -2.83 9.26 -10.63
CA ASP A 80 -1.41 9.09 -10.34
C ASP A 80 -0.72 8.27 -11.42
N LYS A 81 -0.26 8.96 -12.46
CA LYS A 81 0.34 8.29 -13.63
C LYS A 81 1.86 8.47 -13.69
N ILE A 82 2.54 7.46 -14.21
CA ILE A 82 3.99 7.49 -14.38
C ILE A 82 4.39 7.03 -15.78
N THR A 83 5.69 6.90 -15.99
CA THR A 83 6.24 6.46 -17.26
C THR A 83 7.76 6.33 -17.17
N TRP A 84 8.33 5.36 -17.87
CA TRP A 84 9.77 5.10 -17.79
C TRP A 84 10.47 5.64 -19.02
N ILE A 85 11.67 6.21 -18.80
CA ILE A 85 12.44 6.84 -19.86
C ILE A 85 13.88 6.35 -19.84
N GLU A 86 14.41 6.01 -21.02
CA GLU A 86 15.81 5.60 -21.14
C GLU A 86 16.69 6.83 -21.32
N GLY A 87 16.13 7.86 -21.94
CA GLY A 87 16.82 9.12 -22.14
C GLY A 87 17.01 9.45 -23.61
N LYS A 88 16.95 8.43 -24.46
CA LYS A 88 17.17 8.60 -25.88
C LYS A 88 15.89 8.96 -26.64
N GLU A 89 14.74 8.81 -25.98
CA GLU A 89 13.46 9.08 -26.64
C GLU A 89 13.38 10.48 -27.23
N PRO A 90 12.70 10.64 -28.38
CA PRO A 90 12.55 11.99 -28.93
C PRO A 90 11.70 12.88 -28.02
N GLY A 91 12.06 14.15 -27.92
CA GLY A 91 11.36 15.07 -27.03
C GLY A 91 11.72 14.84 -25.57
N CYS A 92 12.82 14.13 -25.35
CA CYS A 92 13.31 13.85 -24.00
C CYS A 92 14.81 14.12 -23.85
N GLU A 93 15.39 14.84 -24.78
CA GLU A 93 16.81 15.18 -24.76
C GLU A 93 17.31 15.64 -23.39
N THR A 94 16.68 16.69 -22.85
CA THR A 94 17.13 17.29 -21.59
C THR A 94 16.87 16.37 -20.40
N ILE A 95 15.91 15.46 -20.55
CA ILE A 95 15.65 14.48 -19.52
C ILE A 95 16.83 13.50 -19.48
N GLY A 96 17.20 13.01 -20.66
CA GLY A 96 18.39 12.18 -20.79
C GLY A 96 19.60 12.93 -20.24
N LEU A 97 19.65 14.23 -20.53
CA LEU A 97 20.68 15.10 -19.96
C LEU A 97 20.71 15.00 -18.43
N LEU A 98 19.57 15.28 -17.80
CA LEU A 98 19.41 15.15 -16.36
C LEU A 98 19.95 13.81 -15.86
N MET A 99 19.49 12.72 -16.47
CA MET A 99 19.97 11.40 -16.11
C MET A 99 21.49 11.27 -16.24
N SER A 100 22.04 11.77 -17.34
CA SER A 100 23.48 11.72 -17.57
C SER A 100 24.22 12.47 -16.48
N SER A 101 23.64 13.59 -16.03
CA SER A 101 24.23 14.34 -14.91
C SER A 101 24.20 13.53 -13.62
N MET A 102 23.04 12.97 -13.29
CA MET A 102 22.93 12.09 -12.12
C MET A 102 24.04 11.02 -12.17
N ASP A 103 24.15 10.38 -13.33
CA ASP A 103 25.19 9.37 -13.53
C ASP A 103 26.57 9.99 -13.34
N ASP A 104 26.76 11.19 -13.88
CA ASP A 104 28.02 11.91 -13.73
C ASP A 104 28.40 11.99 -12.26
N LEU A 105 27.46 12.43 -11.44
CA LEU A 105 27.70 12.55 -9.99
C LEU A 105 27.99 11.20 -9.35
N ILE A 106 27.14 10.21 -9.58
CA ILE A 106 27.38 8.89 -8.99
C ILE A 106 28.68 8.26 -9.48
N ARG A 107 29.11 8.62 -10.68
CA ARG A 107 30.34 8.06 -11.24
C ARG A 107 31.55 8.43 -10.40
N HIS A 108 31.68 9.72 -10.11
CA HIS A 108 32.83 10.23 -9.38
C HIS A 108 32.78 9.92 -7.89
N CYS A 109 31.75 9.20 -7.45
CA CYS A 109 31.66 8.79 -6.06
C CYS A 109 32.64 7.65 -5.83
N ASN A 110 32.81 6.77 -6.81
CA ASN A 110 33.67 5.59 -6.68
C ASN A 110 33.03 4.62 -5.69
N GLY A 111 33.87 3.88 -4.96
CA GLY A 111 33.36 2.98 -3.94
C GLY A 111 33.32 3.69 -2.61
N LYS A 112 33.43 5.02 -2.63
CA LYS A 112 33.36 5.80 -1.40
C LYS A 112 31.93 5.89 -0.87
N LEU A 113 30.96 5.85 -1.77
CA LEU A 113 29.55 5.94 -1.39
C LEU A 113 29.12 4.65 -0.70
N GLY A 114 29.20 4.64 0.62
CA GLY A 114 28.96 3.44 1.40
C GLY A 114 29.89 2.32 0.98
N SER A 115 29.55 1.10 1.34
CA SER A 115 30.31 -0.06 0.90
C SER A 115 29.77 -0.60 -0.43
N TYR A 116 28.70 0.04 -0.91
CA TYR A 116 28.06 -0.38 -2.15
C TYR A 116 28.95 -0.14 -3.36
N LYS A 117 28.89 -1.07 -4.31
CA LYS A 117 29.56 -0.94 -5.60
C LYS A 117 28.50 -0.77 -6.66
N ILE A 118 28.19 0.46 -7.02
CA ILE A 118 27.13 0.74 -7.98
C ILE A 118 27.53 0.42 -9.42
N ASN A 119 26.94 -0.64 -9.97
CA ASN A 119 27.26 -1.11 -11.33
C ASN A 119 26.20 -0.72 -12.36
N GLY A 120 25.03 -0.29 -11.89
CA GLY A 120 23.95 0.09 -12.79
C GLY A 120 22.75 0.74 -12.10
N ARG A 121 21.71 1.03 -12.88
CA ARG A 121 20.51 1.69 -12.37
C ARG A 121 19.26 1.33 -13.17
N THR A 122 18.13 1.91 -12.76
CA THR A 122 16.86 1.73 -13.44
C THR A 122 16.66 2.82 -14.46
N LYS A 123 15.61 2.70 -15.26
CA LYS A 123 15.21 3.79 -16.14
C LYS A 123 14.72 4.95 -15.28
N ALA A 124 14.55 6.12 -15.87
CA ALA A 124 14.06 7.27 -15.13
C ALA A 124 12.54 7.25 -15.02
N MET A 125 12.03 7.13 -13.80
CA MET A 125 10.59 7.16 -13.56
C MET A 125 10.09 8.58 -13.56
N VAL A 126 9.55 9.03 -14.68
CA VAL A 126 8.94 10.34 -14.78
C VAL A 126 7.51 10.21 -14.31
N ALA A 127 7.18 10.90 -13.21
CA ALA A 127 5.88 10.73 -12.58
C ALA A 127 5.11 12.04 -12.45
N CYS A 128 3.82 11.95 -12.75
CA CYS A 128 2.86 13.04 -12.62
C CYS A 128 1.94 12.82 -11.43
N TYR A 129 2.21 13.51 -10.32
CA TYR A 129 1.42 13.36 -9.12
C TYR A 129 0.27 14.36 -9.08
N PRO A 130 -0.94 13.88 -8.78
CA PRO A 130 -2.12 14.75 -8.84
C PRO A 130 -2.26 15.66 -7.62
N GLY A 131 -2.98 16.77 -7.78
CA GLY A 131 -3.19 17.72 -6.71
C GLY A 131 -4.58 17.63 -6.10
N ASN A 132 -4.97 16.44 -5.68
CA ASN A 132 -6.31 16.22 -5.12
C ASN A 132 -6.27 16.00 -3.60
N GLY A 133 -5.24 16.53 -2.95
CA GLY A 133 -5.08 16.35 -1.52
C GLY A 133 -4.82 14.89 -1.19
N THR A 134 -4.09 14.22 -2.08
CA THR A 134 -3.69 12.84 -1.87
C THR A 134 -2.24 12.79 -1.38
N GLY A 135 -2.00 11.93 -0.39
CA GLY A 135 -0.67 11.78 0.17
C GLY A 135 -0.21 10.34 0.08
N TYR A 136 1.05 10.10 0.43
CA TYR A 136 1.64 8.78 0.35
C TYR A 136 2.08 8.29 1.71
N VAL A 137 1.57 7.11 2.08
CA VAL A 137 1.86 6.52 3.38
C VAL A 137 3.35 6.39 3.62
N ARG A 138 3.71 6.25 4.89
CA ARG A 138 5.09 5.96 5.26
C ARG A 138 5.49 4.64 4.63
N HIS A 139 6.68 4.60 4.04
CA HIS A 139 7.13 3.40 3.33
C HIS A 139 8.64 3.38 3.18
N VAL A 140 9.14 2.31 2.57
CA VAL A 140 10.56 2.15 2.31
C VAL A 140 10.74 1.61 0.91
N ASP A 141 11.55 2.31 0.10
CA ASP A 141 11.72 1.96 -1.30
C ASP A 141 12.10 0.50 -1.50
N ASN A 142 13.17 0.07 -0.83
CA ASN A 142 13.67 -1.30 -0.93
C ASN A 142 13.78 -1.99 0.43
N PRO A 143 12.71 -2.67 0.86
CA PRO A 143 12.75 -3.42 2.11
C PRO A 143 13.21 -4.86 1.91
N ASN A 144 12.90 -5.44 0.75
CA ASN A 144 13.20 -6.84 0.48
C ASN A 144 14.67 -7.12 0.21
N GLY A 145 15.41 -6.09 -0.21
CA GLY A 145 16.79 -6.27 -0.61
C GLY A 145 16.86 -6.67 -2.07
N ASP A 146 16.27 -5.85 -2.94
CA ASP A 146 16.14 -6.16 -4.35
C ASP A 146 17.28 -5.61 -5.21
N GLY A 147 18.24 -4.95 -4.57
CA GLY A 147 19.41 -4.45 -5.25
C GLY A 147 19.54 -2.93 -5.22
N ARG A 148 18.40 -2.24 -5.17
CA ARG A 148 18.41 -0.77 -5.13
C ARG A 148 18.99 -0.27 -3.82
N CYS A 149 19.98 0.62 -3.90
CA CYS A 149 20.65 1.10 -2.69
C CYS A 149 20.54 2.60 -2.51
N VAL A 150 20.38 3.33 -3.60
CA VAL A 150 20.33 4.79 -3.57
C VAL A 150 19.19 5.34 -4.42
N THR A 151 18.21 5.94 -3.77
CA THR A 151 17.12 6.59 -4.48
C THR A 151 17.57 7.99 -4.90
N CYS A 152 17.18 8.40 -6.10
CA CYS A 152 17.57 9.71 -6.62
C CYS A 152 16.37 10.41 -7.25
N ILE A 153 16.07 11.61 -6.77
CA ILE A 153 14.87 12.33 -7.22
C ILE A 153 15.22 13.74 -7.73
N TYR A 154 14.47 14.18 -8.74
CA TYR A 154 14.64 15.53 -9.29
C TYR A 154 13.29 16.21 -9.46
N TYR A 155 13.15 17.41 -8.89
CA TYR A 155 11.88 18.14 -8.97
C TYR A 155 11.95 19.27 -9.99
N LEU A 156 10.94 19.33 -10.85
CA LEU A 156 10.95 20.23 -11.99
C LEU A 156 9.75 21.18 -12.00
N ASN A 157 9.11 21.32 -10.84
CA ASN A 157 7.93 22.16 -10.73
C ASN A 157 8.29 23.65 -10.67
N LYS A 158 8.27 24.31 -11.83
CA LYS A 158 8.66 25.71 -11.96
C LYS A 158 7.97 26.55 -10.89
N ASP A 159 8.79 27.16 -10.03
CA ASP A 159 8.28 27.99 -8.93
C ASP A 159 7.21 27.44 -8.00
N TRP A 160 7.54 26.33 -7.34
CA TRP A 160 6.63 25.66 -6.41
C TRP A 160 6.79 26.04 -4.95
N ASP A 161 5.83 26.78 -4.42
CA ASP A 161 5.86 27.15 -3.00
C ASP A 161 5.24 26.02 -2.20
N ALA A 162 6.09 25.21 -1.57
CA ALA A 162 5.64 24.09 -0.76
C ALA A 162 4.78 24.56 0.41
N LYS A 163 4.95 25.82 0.79
CA LYS A 163 4.18 26.41 1.88
C LYS A 163 2.72 26.60 1.46
N VAL A 164 2.50 26.75 0.16
CA VAL A 164 1.17 26.99 -0.38
C VAL A 164 0.52 25.70 -0.88
N SER A 165 1.25 24.94 -1.69
CA SER A 165 0.68 23.76 -2.34
C SER A 165 1.06 22.45 -1.63
N GLY A 166 2.03 22.52 -0.72
CA GLY A 166 2.46 21.34 0.01
C GLY A 166 3.30 20.41 -0.84
N GLY A 167 3.04 19.11 -0.70
CA GLY A 167 3.77 18.10 -1.45
C GLY A 167 5.15 17.82 -0.87
N ILE A 168 5.36 18.23 0.38
CA ILE A 168 6.64 18.04 1.04
C ILE A 168 6.93 16.56 1.25
N LEU A 169 8.21 16.19 1.20
CA LEU A 169 8.63 14.81 1.45
C LEU A 169 9.30 14.72 2.82
N ARG A 170 8.67 13.98 3.74
CA ARG A 170 9.20 13.83 5.09
C ARG A 170 10.03 12.56 5.23
N ILE A 171 11.29 12.71 5.61
CA ILE A 171 12.16 11.55 5.79
C ILE A 171 12.51 11.37 7.25
N PHE A 172 12.51 10.11 7.66
CA PHE A 172 12.84 9.70 9.03
C PHE A 172 14.09 8.83 9.07
N PRO A 173 15.28 9.45 9.08
CA PRO A 173 16.54 8.70 9.12
C PRO A 173 16.59 7.73 10.30
N GLU A 174 16.47 6.44 10.00
CA GLU A 174 16.45 5.40 11.01
C GLU A 174 17.56 5.58 12.04
N GLY A 175 17.18 5.60 13.31
CA GLY A 175 18.12 5.77 14.39
C GLY A 175 18.70 7.17 14.46
N LYS A 176 17.83 8.16 14.45
CA LYS A 176 18.24 9.56 14.63
C LYS A 176 17.15 10.33 15.35
N ALA A 177 17.54 11.38 16.07
CA ALA A 177 16.59 12.12 16.90
C ALA A 177 15.92 13.25 16.14
N GLN A 178 16.19 13.35 14.84
CA GLN A 178 15.56 14.35 14.00
C GLN A 178 14.96 13.67 12.77
N PHE A 179 14.13 14.43 12.07
CA PHE A 179 13.55 14.01 10.80
C PHE A 179 13.53 15.26 9.94
N ALA A 180 13.35 15.11 8.61
CA ALA A 180 13.43 16.29 7.74
C ALA A 180 12.33 16.38 6.69
N ASP A 181 11.81 17.59 6.56
CA ASP A 181 10.81 17.92 5.55
C ASP A 181 11.51 18.56 4.35
N ILE A 182 11.67 17.77 3.29
CA ILE A 182 12.32 18.25 2.08
C ILE A 182 11.27 18.80 1.12
N GLU A 183 11.51 20.03 0.68
CA GLU A 183 10.62 20.71 -0.24
C GLU A 183 10.87 20.28 -1.68
N PRO A 184 9.81 19.93 -2.43
CA PRO A 184 10.01 19.62 -3.85
C PRO A 184 10.31 20.88 -4.67
N LYS A 185 11.33 21.62 -4.25
CA LYS A 185 11.69 22.88 -4.90
C LYS A 185 12.12 22.65 -6.34
N PHE A 186 11.82 23.61 -7.19
CA PHE A 186 12.22 23.54 -8.59
C PHE A 186 13.73 23.37 -8.70
N ASP A 187 14.15 22.53 -9.64
CA ASP A 187 15.56 22.30 -9.92
C ASP A 187 16.30 21.79 -8.69
N ARG A 188 15.64 20.93 -7.92
CA ARG A 188 16.27 20.29 -6.77
C ARG A 188 16.50 18.82 -7.02
N LEU A 189 17.68 18.36 -6.60
CA LEU A 189 18.07 16.96 -6.69
C LEU A 189 18.18 16.38 -5.28
N LEU A 190 17.70 15.16 -5.11
CA LEU A 190 17.70 14.51 -3.80
C LEU A 190 18.29 13.11 -3.86
N PHE A 191 19.18 12.83 -2.90
CA PHE A 191 19.82 11.52 -2.74
C PHE A 191 19.52 10.93 -1.36
N PHE A 192 19.25 9.63 -1.31
CA PHE A 192 19.17 8.93 -0.01
C PHE A 192 19.17 7.42 -0.18
N TRP A 193 19.63 6.72 0.86
CA TRP A 193 19.65 5.27 0.84
C TRP A 193 18.21 4.77 0.73
N SER A 194 18.02 3.64 0.04
CA SER A 194 16.67 3.14 -0.23
C SER A 194 16.23 1.98 0.65
N ASP A 195 17.13 1.53 1.52
CA ASP A 195 16.85 0.39 2.38
C ASP A 195 16.19 0.91 3.65
N ARG A 196 15.97 0.03 4.62
CA ARG A 196 15.23 0.39 5.83
C ARG A 196 15.70 1.69 6.50
N ARG A 197 16.88 2.19 6.12
CA ARG A 197 17.46 3.34 6.77
C ARG A 197 16.68 4.64 6.57
N ASN A 198 16.02 4.80 5.41
CA ASN A 198 15.27 6.02 5.13
C ASN A 198 13.81 5.81 4.79
N PRO A 199 12.96 5.58 5.81
CA PRO A 199 11.52 5.61 5.63
C PRO A 199 11.04 7.03 5.40
N HIS A 200 9.98 7.20 4.62
CA HIS A 200 9.51 8.53 4.30
C HIS A 200 8.03 8.61 3.91
N GLU A 201 7.45 9.78 4.19
CA GLU A 201 6.07 10.08 3.83
C GLU A 201 6.05 11.23 2.84
N VAL A 202 4.97 11.35 2.09
CA VAL A 202 4.78 12.46 1.17
C VAL A 202 3.50 13.17 1.51
N GLN A 203 3.61 14.39 2.01
CA GLN A 203 2.45 15.19 2.38
C GLN A 203 1.61 15.51 1.15
N PRO A 204 0.28 15.59 1.32
CA PRO A 204 -0.55 15.85 0.15
C PRO A 204 -0.27 17.18 -0.56
N ALA A 205 -0.52 17.20 -1.86
CA ALA A 205 -0.36 18.38 -2.69
C ALA A 205 -1.71 18.84 -3.22
N TYR A 206 -1.86 20.16 -3.38
CA TYR A 206 -3.11 20.75 -3.85
C TYR A 206 -2.92 21.37 -5.24
N ALA A 207 -2.02 20.78 -6.01
CA ALA A 207 -1.79 21.17 -7.39
C ALA A 207 -1.00 20.05 -8.06
N THR A 208 -1.15 19.90 -9.37
CA THR A 208 -0.42 18.85 -10.08
C THR A 208 1.08 19.07 -9.88
N ARG A 209 1.81 17.97 -9.76
CA ARG A 209 3.23 18.00 -9.46
C ARG A 209 3.96 16.97 -10.31
N TYR A 210 5.21 17.25 -10.66
CA TYR A 210 6.01 16.37 -11.51
C TYR A 210 7.37 16.03 -10.89
N ALA A 211 7.77 14.77 -10.97
CA ALA A 211 9.10 14.38 -10.47
C ALA A 211 9.69 13.17 -11.16
N ILE A 212 11.00 13.20 -11.34
CA ILE A 212 11.74 12.12 -12.00
C ILE A 212 12.57 11.36 -10.97
N THR A 213 12.33 10.06 -10.86
CA THR A 213 13.02 9.25 -9.87
C THR A 213 13.91 8.21 -10.54
N VAL A 214 15.03 7.89 -9.89
CA VAL A 214 15.97 6.88 -10.40
C VAL A 214 16.60 6.11 -9.26
N TRP A 215 16.78 4.80 -9.43
CA TRP A 215 17.38 3.97 -8.40
C TRP A 215 18.68 3.34 -8.89
N TYR A 216 19.72 3.45 -8.07
CA TYR A 216 21.01 2.84 -8.39
C TYR A 216 21.16 1.51 -7.68
N PHE A 217 21.77 0.55 -8.37
CA PHE A 217 21.90 -0.81 -7.87
C PHE A 217 23.24 -1.06 -7.24
N ASP A 218 23.25 -1.85 -6.17
CA ASP A 218 24.49 -2.39 -5.63
C ASP A 218 24.77 -3.72 -6.30
N ALA A 219 25.95 -3.82 -6.90
CA ALA A 219 26.35 -4.98 -7.67
C ALA A 219 25.92 -6.30 -7.04
N ASP A 220 26.35 -6.53 -5.81
CA ASP A 220 26.07 -7.78 -5.12
C ASP A 220 24.58 -8.01 -4.90
N GLU A 221 23.94 -7.10 -4.17
CA GLU A 221 22.54 -7.25 -3.80
C GLU A 221 21.64 -7.56 -4.99
N ARG A 222 21.86 -6.86 -6.11
CA ARG A 222 21.04 -7.08 -7.30
C ARG A 222 21.20 -8.51 -7.78
N ALA A 223 22.40 -9.06 -7.65
CA ALA A 223 22.63 -10.44 -8.06
C ALA A 223 21.83 -11.42 -7.22
N ARG A 224 22.05 -11.39 -5.91
CA ARG A 224 21.29 -12.25 -5.00
C ARG A 224 19.79 -12.02 -5.17
N ALA A 225 19.41 -10.80 -5.52
CA ALA A 225 18.02 -10.48 -5.80
C ALA A 225 17.53 -11.26 -7.03
N LYS A 226 18.26 -11.14 -8.14
CA LYS A 226 17.92 -11.91 -9.34
C LYS A 226 17.87 -13.40 -9.03
N VAL A 227 18.77 -13.86 -8.17
CA VAL A 227 18.76 -15.25 -7.72
C VAL A 227 17.48 -15.57 -6.93
N LYS A 228 17.13 -14.68 -6.00
CA LYS A 228 15.97 -14.88 -5.15
C LYS A 228 14.64 -14.53 -5.85
N TYR A 229 14.71 -14.17 -7.13
CA TYR A 229 13.52 -13.78 -7.90
C TYR A 229 12.82 -12.56 -7.29
N LEU A 230 13.60 -11.64 -6.71
CA LEU A 230 13.06 -10.42 -6.12
C LEU A 230 12.95 -9.28 -7.15
N THR A 231 13.39 -9.55 -8.37
CA THR A 231 13.36 -8.55 -9.43
C THR A 231 12.26 -8.82 -10.45
N GLY A 232 11.63 -9.99 -10.38
CA GLY A 232 10.56 -10.36 -11.29
C GLY A 232 11.04 -10.57 -12.72
N GLU A 233 12.34 -10.44 -12.94
CA GLU A 233 12.91 -10.56 -14.28
C GLU A 233 12.94 -12.02 -14.72
N LYS A 234 13.46 -12.89 -13.86
CA LYS A 234 13.55 -14.32 -14.16
C LYS A 234 12.17 -14.99 -14.12
N GLY A 235 12.14 -16.32 -14.18
CA GLY A 235 10.89 -17.05 -14.12
C GLY A 235 10.97 -18.46 -14.66
N VAL A 236 9.83 -19.15 -14.68
CA VAL A 236 9.71 -20.49 -15.24
C VAL A 236 8.34 -20.67 -15.88
N ARG A 237 8.33 -21.08 -17.14
CA ARG A 237 7.08 -21.22 -17.87
C ARG A 237 6.19 -22.29 -17.26
N VAL A 238 4.90 -22.00 -17.14
CA VAL A 238 3.92 -22.97 -16.68
C VAL A 238 3.07 -23.42 -17.88
N GLU A 239 3.23 -24.68 -18.28
CA GLU A 239 2.58 -25.17 -19.50
C GLU A 239 1.07 -25.23 -19.31
N LEU A 240 0.34 -25.26 -20.42
CA LEU A 240 -1.12 -25.32 -20.39
C LEU A 240 -1.60 -26.63 -19.77
N ASN A 241 -0.94 -27.74 -20.11
CA ASN A 241 -1.27 -29.03 -19.54
C ASN A 241 -0.02 -29.89 -19.36
N LYS A 242 -0.19 -31.04 -18.70
CA LYS A 242 0.88 -32.00 -18.58
C LYS A 242 0.38 -33.36 -19.09
N PRO A 243 1.30 -34.21 -19.57
CA PRO A 243 0.86 -35.55 -19.97
C PRO A 243 0.39 -36.36 -18.77
N SER A 244 -0.83 -36.90 -18.84
CA SER A 244 -1.38 -37.70 -17.74
C SER A 244 -0.42 -38.82 -17.37
N ASP A 245 -0.21 -39.01 -16.07
CA ASP A 245 0.74 -40.00 -15.58
C ASP A 245 2.12 -39.75 -16.14
N LEU B 14 -26.97 18.24 -12.64
CA LEU B 14 -26.51 17.24 -11.68
C LEU B 14 -27.65 16.86 -10.73
N PRO B 15 -28.61 16.07 -11.23
CA PRO B 15 -29.80 15.71 -10.46
C PRO B 15 -29.49 14.76 -9.29
N ALA B 16 -30.54 14.36 -8.57
CA ALA B 16 -30.39 13.67 -7.28
C ALA B 16 -30.00 12.20 -7.38
N LEU B 17 -30.73 11.41 -8.18
CA LEU B 17 -30.46 9.98 -8.29
C LEU B 17 -29.20 9.73 -9.11
N LYS B 18 -28.89 10.68 -10.01
CA LYS B 18 -27.65 10.61 -10.77
C LYS B 18 -26.47 10.59 -9.83
N LEU B 19 -26.34 11.64 -9.02
CA LEU B 19 -25.23 11.74 -8.06
C LEU B 19 -25.12 10.40 -7.32
N ALA B 20 -26.25 9.87 -6.90
CA ALA B 20 -26.28 8.59 -6.21
C ALA B 20 -25.73 7.36 -6.93
N LEU B 21 -26.28 7.03 -8.09
CA LEU B 21 -25.95 5.76 -8.75
C LEU B 21 -24.76 5.95 -9.69
N GLU B 22 -24.49 7.20 -10.07
CA GLU B 22 -23.50 7.50 -11.09
C GLU B 22 -22.15 7.91 -10.50
N TYR B 23 -22.17 8.51 -9.31
CA TYR B 23 -20.95 8.99 -8.67
C TYR B 23 -20.67 8.35 -7.31
N ILE B 24 -21.63 8.43 -6.39
CA ILE B 24 -21.45 7.89 -5.05
C ILE B 24 -21.09 6.40 -5.10
N VAL B 25 -22.06 5.58 -5.51
CA VAL B 25 -21.92 4.12 -5.50
C VAL B 25 -20.58 3.62 -6.07
N PRO B 26 -20.20 4.09 -7.27
CA PRO B 26 -18.92 3.62 -7.80
C PRO B 26 -17.74 4.17 -7.03
N CYS B 27 -17.69 5.49 -6.87
CA CYS B 27 -16.61 6.15 -6.13
C CYS B 27 -16.45 5.54 -4.74
N MET B 28 -17.54 5.02 -4.18
CA MET B 28 -17.54 4.43 -2.85
C MET B 28 -17.08 2.99 -2.89
N ASN B 29 -17.64 2.22 -3.82
CA ASN B 29 -17.23 0.84 -3.99
C ASN B 29 -15.83 0.74 -4.58
N LYS B 30 -15.31 1.88 -5.07
CA LYS B 30 -13.95 1.94 -5.57
C LYS B 30 -12.95 2.20 -4.45
N HIS B 31 -13.06 3.36 -3.80
CA HIS B 31 -12.11 3.77 -2.77
C HIS B 31 -12.63 3.56 -1.36
N GLY B 32 -13.88 3.96 -1.16
CA GLY B 32 -14.53 3.92 0.14
C GLY B 32 -14.59 5.30 0.75
N ILE B 33 -14.43 6.32 -0.11
CA ILE B 33 -14.49 7.70 0.31
C ILE B 33 -15.11 8.50 -0.84
N CYS B 34 -16.18 9.22 -0.53
CA CYS B 34 -16.84 10.04 -1.54
C CYS B 34 -17.02 11.48 -1.04
N VAL B 35 -16.52 12.42 -1.84
CA VAL B 35 -16.66 13.84 -1.53
C VAL B 35 -17.68 14.48 -2.47
N VAL B 36 -18.52 15.35 -1.92
CA VAL B 36 -19.51 16.08 -2.71
C VAL B 36 -19.49 17.56 -2.35
N ASP B 37 -19.03 18.39 -3.28
CA ASP B 37 -18.96 19.82 -3.07
C ASP B 37 -20.28 20.49 -3.44
N ASP B 38 -20.61 21.56 -2.71
CA ASP B 38 -21.84 22.33 -2.96
C ASP B 38 -23.06 21.42 -2.96
N PHE B 39 -23.40 20.89 -1.77
CA PHE B 39 -24.51 19.96 -1.66
C PHE B 39 -25.86 20.68 -1.69
N LEU B 40 -25.97 21.79 -0.95
CA LEU B 40 -27.25 22.51 -0.80
C LEU B 40 -27.22 23.90 -1.41
N GLY B 41 -26.02 24.43 -1.63
CA GLY B 41 -25.86 25.77 -2.17
C GLY B 41 -25.62 26.80 -1.10
N LYS B 42 -25.05 27.94 -1.50
CA LYS B 42 -24.69 29.02 -0.59
C LYS B 42 -25.80 29.41 0.38
N GLU B 43 -26.89 29.94 -0.17
CA GLU B 43 -28.00 30.43 0.65
C GLU B 43 -28.55 29.33 1.57
N THR B 44 -28.74 28.14 1.03
CA THR B 44 -29.30 27.01 1.77
C THR B 44 -28.34 26.49 2.83
N GLY B 45 -27.04 26.66 2.59
CA GLY B 45 -26.02 26.20 3.52
C GLY B 45 -25.79 27.16 4.67
N GLN B 46 -25.63 28.44 4.34
CA GLN B 46 -25.45 29.48 5.35
C GLN B 46 -26.61 29.45 6.34
N GLN B 47 -27.78 29.11 5.82
CA GLN B 47 -28.98 28.96 6.62
C GLN B 47 -28.73 27.98 7.77
N ILE B 48 -28.27 26.79 7.44
CA ILE B 48 -27.92 25.79 8.46
C ILE B 48 -26.81 26.38 9.31
N GLY B 49 -25.87 27.05 8.64
CA GLY B 49 -24.75 27.70 9.28
C GLY B 49 -25.16 28.60 10.45
N ASP B 50 -26.23 29.36 10.29
CA ASP B 50 -26.78 30.15 11.37
C ASP B 50 -27.60 29.29 12.34
N GLU B 51 -28.46 28.45 11.76
CA GLU B 51 -29.34 27.59 12.53
C GLU B 51 -28.59 26.72 13.54
N VAL B 52 -27.32 26.40 13.23
CA VAL B 52 -26.50 25.63 14.17
C VAL B 52 -25.87 26.52 15.23
N ARG B 53 -25.44 27.72 14.84
CA ARG B 53 -24.86 28.66 15.80
C ARG B 53 -25.92 29.04 16.83
N ALA B 54 -27.18 29.00 16.43
CA ALA B 54 -28.28 29.18 17.38
C ALA B 54 -28.16 28.24 18.59
N LEU B 55 -28.08 26.94 18.34
CA LEU B 55 -28.05 25.93 19.40
C LEU B 55 -26.87 26.10 20.35
N HIS B 56 -25.82 26.74 19.87
CA HIS B 56 -24.61 26.99 20.65
C HIS B 56 -24.86 27.86 21.88
N ASP B 57 -26.07 28.42 21.98
CA ASP B 57 -26.41 29.34 23.06
C ASP B 57 -27.56 28.86 23.96
N THR B 58 -28.71 28.53 23.35
CA THR B 58 -29.92 28.19 24.09
C THR B 58 -29.67 27.13 25.17
N GLY B 59 -28.96 26.07 24.80
CA GLY B 59 -28.62 25.00 25.73
C GLY B 59 -28.94 23.62 25.20
N LYS B 60 -29.16 22.69 26.13
CA LYS B 60 -29.45 21.29 25.80
C LYS B 60 -28.31 20.65 25.01
N PHE B 61 -27.15 21.30 24.98
CA PHE B 61 -25.99 20.77 24.27
C PHE B 61 -25.22 19.82 25.17
N THR B 62 -25.49 18.52 25.03
CA THR B 62 -24.88 17.49 25.87
C THR B 62 -23.37 17.42 25.70
N ASP B 63 -22.73 16.55 26.47
CA ASP B 63 -21.28 16.38 26.41
C ASP B 63 -20.57 17.68 26.78
N GLY B 79 -14.08 22.99 24.92
CA GLY B 79 -14.14 21.56 25.12
C GLY B 79 -14.66 20.82 23.91
N ASP B 80 -15.57 19.86 24.15
CA ASP B 80 -16.15 19.05 23.08
C ASP B 80 -17.68 19.22 23.10
N LYS B 81 -18.14 20.29 22.45
CA LYS B 81 -19.55 20.64 22.46
C LYS B 81 -20.29 19.97 21.30
N ILE B 82 -21.09 18.96 21.62
CA ILE B 82 -21.90 18.24 20.63
C ILE B 82 -23.34 18.15 21.11
N THR B 83 -24.22 17.67 20.24
CA THR B 83 -25.65 17.55 20.56
C THR B 83 -26.35 16.75 19.45
N TRP B 84 -27.45 16.10 19.80
CA TRP B 84 -28.14 15.22 18.86
C TRP B 84 -29.47 15.79 18.42
N ILE B 85 -29.63 15.88 17.10
CA ILE B 85 -30.80 16.45 16.47
C ILE B 85 -31.59 15.35 15.76
N GLU B 86 -32.91 15.43 15.82
CA GLU B 86 -33.76 14.44 15.19
C GLU B 86 -34.36 14.99 13.88
N GLY B 87 -34.22 16.30 13.68
CA GLY B 87 -34.63 16.94 12.45
C GLY B 87 -35.92 17.73 12.61
N LYS B 88 -36.84 17.16 13.37
CA LYS B 88 -38.11 17.80 13.68
C LYS B 88 -38.01 18.66 14.93
N GLU B 89 -36.82 19.23 15.16
CA GLU B 89 -36.59 20.04 16.35
C GLU B 89 -37.18 21.45 16.20
N PRO B 90 -37.41 22.14 17.32
CA PRO B 90 -37.97 23.50 17.28
C PRO B 90 -37.11 24.49 16.48
N GLY B 91 -37.59 24.88 15.31
CA GLY B 91 -36.93 25.88 14.50
C GLY B 91 -35.72 25.40 13.72
N CYS B 92 -35.37 24.12 13.88
CA CYS B 92 -34.23 23.52 13.17
C CYS B 92 -34.69 22.77 11.94
N GLU B 93 -35.38 23.47 11.05
CA GLU B 93 -35.94 22.86 9.85
C GLU B 93 -34.84 22.52 8.84
N THR B 94 -33.92 23.45 8.64
CA THR B 94 -32.88 23.33 7.63
C THR B 94 -31.88 22.21 7.94
N ILE B 95 -31.60 21.99 9.23
CA ILE B 95 -30.79 20.86 9.66
C ILE B 95 -31.53 19.60 9.23
N GLY B 96 -32.83 19.57 9.54
CA GLY B 96 -33.70 18.48 9.14
C GLY B 96 -33.72 18.32 7.63
N LEU B 97 -33.65 19.45 6.93
CA LEU B 97 -33.58 19.42 5.46
C LEU B 97 -32.35 18.65 5.05
N LEU B 98 -31.19 19.06 5.57
CA LEU B 98 -29.93 18.38 5.27
C LEU B 98 -30.03 16.89 5.53
N MET B 99 -30.46 16.52 6.74
CA MET B 99 -30.61 15.12 7.11
C MET B 99 -31.49 14.36 6.10
N SER B 100 -32.72 14.82 5.96
CA SER B 100 -33.66 14.22 5.03
C SER B 100 -33.15 14.29 3.60
N SER B 101 -32.25 15.22 3.32
CA SER B 101 -31.66 15.35 1.99
C SER B 101 -30.63 14.23 1.77
N MET B 102 -29.79 13.94 2.77
CA MET B 102 -28.84 12.82 2.69
C MET B 102 -29.57 11.49 2.55
N ASP B 103 -30.63 11.33 3.35
CA ASP B 103 -31.43 10.12 3.31
C ASP B 103 -31.78 9.71 1.88
N ASP B 104 -32.16 10.67 1.04
CA ASP B 104 -32.48 10.40 -0.36
C ASP B 104 -31.33 9.66 -1.06
N LEU B 105 -30.16 10.27 -1.00
CA LEU B 105 -28.99 9.74 -1.69
C LEU B 105 -28.67 8.34 -1.19
N ILE B 106 -28.67 8.15 0.13
CA ILE B 106 -28.40 6.81 0.65
C ILE B 106 -29.48 5.80 0.23
N ARG B 107 -30.72 6.25 0.19
CA ARG B 107 -31.82 5.40 -0.27
C ARG B 107 -31.63 5.03 -1.74
N HIS B 108 -31.11 5.98 -2.51
CA HIS B 108 -30.88 5.78 -3.94
C HIS B 108 -29.69 4.86 -4.24
N CYS B 109 -29.09 4.29 -3.20
CA CYS B 109 -27.96 3.37 -3.35
C CYS B 109 -28.30 1.96 -2.85
N ASN B 110 -29.58 1.74 -2.54
CA ASN B 110 -30.05 0.47 -1.97
C ASN B 110 -29.45 -0.78 -2.61
N GLY B 111 -28.68 -1.53 -1.81
CA GLY B 111 -28.07 -2.77 -2.27
C GLY B 111 -26.85 -2.56 -3.15
N LYS B 112 -26.60 -1.31 -3.52
CA LYS B 112 -25.49 -0.98 -4.41
C LYS B 112 -24.18 -0.79 -3.63
N LEU B 113 -24.30 -0.31 -2.39
CA LEU B 113 -23.14 -0.09 -1.53
C LEU B 113 -22.70 -1.38 -0.84
N GLY B 114 -21.69 -2.03 -1.40
CA GLY B 114 -21.21 -3.29 -0.89
C GLY B 114 -22.32 -4.32 -0.77
N SER B 115 -22.26 -5.12 0.29
CA SER B 115 -23.32 -6.08 0.60
C SER B 115 -24.21 -5.54 1.71
N TYR B 116 -24.20 -4.22 1.88
CA TYR B 116 -24.89 -3.58 2.98
C TYR B 116 -26.35 -3.26 2.68
N LYS B 117 -27.24 -3.83 3.49
CA LYS B 117 -28.66 -3.53 3.42
C LYS B 117 -28.97 -2.39 4.39
N ILE B 118 -28.89 -1.15 3.91
CA ILE B 118 -29.04 0.01 4.77
C ILE B 118 -30.51 0.36 5.00
N ASN B 119 -30.86 0.59 6.26
CA ASN B 119 -32.24 0.92 6.65
C ASN B 119 -32.32 2.22 7.46
N GLY B 120 -31.81 2.18 8.67
CA GLY B 120 -31.93 3.28 9.62
C GLY B 120 -30.68 4.14 9.72
N ARG B 121 -30.80 5.26 10.43
CA ARG B 121 -29.67 6.16 10.66
C ARG B 121 -29.74 6.76 12.06
N THR B 122 -28.59 7.03 12.64
CA THR B 122 -28.55 7.66 13.94
C THR B 122 -29.10 9.08 13.82
N LYS B 123 -29.37 9.70 14.95
CA LYS B 123 -29.74 11.11 14.97
C LYS B 123 -28.53 11.90 14.48
N ALA B 124 -28.75 13.10 13.97
CA ALA B 124 -27.65 13.92 13.46
C ALA B 124 -26.78 14.43 14.60
N MET B 125 -25.50 14.08 14.60
CA MET B 125 -24.58 14.58 15.61
C MET B 125 -24.06 15.94 15.15
N VAL B 126 -24.77 16.98 15.55
CA VAL B 126 -24.37 18.35 15.28
C VAL B 126 -23.33 18.71 16.31
N ALA B 127 -22.09 18.90 15.86
CA ALA B 127 -20.98 19.14 16.78
C ALA B 127 -20.24 20.45 16.49
N CYS B 128 -19.94 21.15 17.58
CA CYS B 128 -19.11 22.36 17.54
C CYS B 128 -17.72 22.05 18.07
N TYR B 129 -16.77 21.84 17.17
CA TYR B 129 -15.45 21.40 17.59
C TYR B 129 -14.66 22.61 18.06
N PRO B 130 -13.89 22.44 19.15
CA PRO B 130 -13.25 23.56 19.85
C PRO B 130 -12.38 24.44 18.95
N GLY B 131 -11.31 23.86 18.42
CA GLY B 131 -10.38 24.62 17.61
C GLY B 131 -9.53 25.53 18.47
N ASN B 132 -8.75 24.92 19.37
CA ASN B 132 -7.82 25.65 20.23
C ASN B 132 -6.45 24.98 20.17
N GLY B 133 -6.21 24.27 19.09
CA GLY B 133 -5.00 23.47 18.94
C GLY B 133 -5.29 22.02 19.25
N THR B 134 -6.56 21.71 19.49
CA THR B 134 -6.98 20.36 19.81
C THR B 134 -7.18 19.52 18.56
N GLY B 135 -6.65 18.30 18.58
CA GLY B 135 -6.81 17.36 17.50
C GLY B 135 -7.31 16.05 18.06
N TYR B 136 -7.76 15.15 17.17
CA TYR B 136 -8.30 13.87 17.59
C TYR B 136 -7.50 12.73 16.98
N VAL B 137 -6.94 11.88 17.83
CA VAL B 137 -6.09 10.78 17.39
C VAL B 137 -6.82 9.88 16.41
N ARG B 138 -6.07 9.18 15.57
CA ARG B 138 -6.68 8.28 14.61
C ARG B 138 -7.49 7.22 15.35
N HIS B 139 -8.51 6.71 14.69
CA HIS B 139 -9.45 5.79 15.30
C HIS B 139 -10.31 5.15 14.22
N VAL B 140 -11.23 4.28 14.64
CA VAL B 140 -12.20 3.69 13.72
C VAL B 140 -13.59 3.92 14.30
N ASP B 141 -14.51 4.40 13.46
CA ASP B 141 -15.86 4.69 13.92
C ASP B 141 -16.55 3.44 14.46
N ASN B 142 -16.44 2.33 13.72
CA ASN B 142 -17.08 1.08 14.09
C ASN B 142 -16.16 -0.14 13.95
N PRO B 143 -15.28 -0.34 14.93
CA PRO B 143 -14.38 -1.49 14.94
C PRO B 143 -15.01 -2.75 15.53
N ASN B 144 -16.00 -2.59 16.41
CA ASN B 144 -16.63 -3.74 17.05
C ASN B 144 -17.73 -4.36 16.20
N GLY B 145 -18.32 -3.57 15.31
CA GLY B 145 -19.43 -4.03 14.48
C GLY B 145 -20.74 -3.63 15.11
N ASP B 146 -20.82 -2.37 15.56
CA ASP B 146 -21.99 -1.88 16.28
C ASP B 146 -23.16 -1.51 15.37
N GLY B 147 -23.00 -1.70 14.05
CA GLY B 147 -24.05 -1.43 13.09
C GLY B 147 -23.68 -0.38 12.05
N ARG B 148 -23.09 0.72 12.51
CA ARG B 148 -22.70 1.83 11.65
C ARG B 148 -21.75 1.38 10.55
N CYS B 149 -22.11 1.65 9.30
CA CYS B 149 -21.33 1.17 8.15
C CYS B 149 -20.98 2.27 7.15
N VAL B 150 -21.65 3.41 7.25
CA VAL B 150 -21.38 4.54 6.37
C VAL B 150 -21.39 5.86 7.13
N THR B 151 -20.21 6.43 7.39
CA THR B 151 -20.14 7.74 8.01
C THR B 151 -20.44 8.79 6.96
N CYS B 152 -21.26 9.75 7.34
CA CYS B 152 -21.67 10.84 6.47
C CYS B 152 -21.50 12.16 7.22
N ILE B 153 -20.65 13.03 6.69
CA ILE B 153 -20.33 14.29 7.35
C ILE B 153 -20.64 15.49 6.47
N TYR B 154 -21.23 16.52 7.08
CA TYR B 154 -21.48 17.79 6.41
C TYR B 154 -20.72 18.92 7.10
N TYR B 155 -19.95 19.66 6.30
CA TYR B 155 -19.20 20.81 6.79
C TYR B 155 -19.91 22.12 6.42
N LEU B 156 -20.00 23.04 7.39
CA LEU B 156 -20.75 24.28 7.21
C LEU B 156 -19.99 25.53 7.65
N ASN B 157 -18.67 25.43 7.74
CA ASN B 157 -17.85 26.57 8.14
C ASN B 157 -17.55 27.49 6.95
N LYS B 158 -18.36 28.54 6.80
CA LYS B 158 -18.21 29.49 5.70
C LYS B 158 -16.79 30.04 5.57
N ASP B 159 -16.22 29.90 4.38
CA ASP B 159 -14.88 30.41 4.08
C ASP B 159 -13.82 29.85 5.02
N TRP B 160 -14.01 28.61 5.45
CA TRP B 160 -13.05 27.98 6.36
C TRP B 160 -11.75 27.69 5.63
N ASP B 161 -10.85 28.67 5.64
CA ASP B 161 -9.55 28.52 5.00
C ASP B 161 -8.72 27.51 5.79
N ALA B 162 -8.64 26.29 5.27
CA ALA B 162 -7.90 25.22 5.95
C ALA B 162 -6.38 25.43 5.84
N LYS B 163 -5.98 26.27 4.90
CA LYS B 163 -4.56 26.57 4.71
C LYS B 163 -4.00 27.28 5.92
N VAL B 164 -4.82 28.12 6.55
CA VAL B 164 -4.41 28.88 7.72
C VAL B 164 -5.03 28.33 8.99
N SER B 165 -6.37 28.27 9.00
CA SER B 165 -7.11 27.84 10.18
C SER B 165 -6.92 26.35 10.48
N GLY B 166 -6.64 25.58 9.44
CA GLY B 166 -6.39 24.16 9.61
C GLY B 166 -7.63 23.40 10.04
N GLY B 167 -7.44 22.19 10.54
CA GLY B 167 -8.54 21.36 10.98
C GLY B 167 -9.01 20.40 9.90
N ILE B 168 -8.08 19.63 9.35
CA ILE B 168 -8.35 18.78 8.19
C ILE B 168 -8.54 17.32 8.58
N LEU B 169 -9.45 16.62 7.90
CA LEU B 169 -9.66 15.21 8.20
C LEU B 169 -8.68 14.42 7.36
N ARG B 170 -7.99 13.48 7.99
CA ARG B 170 -7.04 12.63 7.30
C ARG B 170 -7.44 11.17 7.43
N ILE B 171 -7.65 10.51 6.29
CA ILE B 171 -8.08 9.12 6.27
C ILE B 171 -7.01 8.22 5.63
N PHE B 172 -6.79 7.08 6.28
CA PHE B 172 -5.81 6.07 5.90
C PHE B 172 -6.47 4.76 5.49
N PRO B 173 -7.04 4.71 4.27
CA PRO B 173 -7.71 3.48 3.78
C PRO B 173 -6.88 2.21 3.99
N GLU B 174 -7.36 1.33 4.86
CA GLU B 174 -6.70 0.06 5.14
C GLU B 174 -6.31 -0.69 3.86
N GLY B 175 -5.03 -0.98 3.73
CA GLY B 175 -4.53 -1.78 2.62
C GLY B 175 -4.19 -0.98 1.38
N LYS B 176 -4.29 0.34 1.46
CA LYS B 176 -3.94 1.20 0.34
C LYS B 176 -2.61 1.91 0.62
N ALA B 177 -1.91 2.28 -0.46
CA ALA B 177 -0.58 2.88 -0.35
C ALA B 177 -0.65 4.40 -0.37
N GLN B 178 -1.85 4.94 -0.26
CA GLN B 178 -2.05 6.38 -0.20
C GLN B 178 -3.01 6.71 0.92
N PHE B 179 -3.07 7.99 1.27
CA PHE B 179 -4.00 8.49 2.27
C PHE B 179 -4.56 9.81 1.80
N ALA B 180 -5.64 10.29 2.42
CA ALA B 180 -6.30 11.49 1.93
C ALA B 180 -6.64 12.52 3.01
N ASP B 181 -6.22 13.75 2.74
CA ASP B 181 -6.54 14.90 3.57
C ASP B 181 -7.76 15.63 3.01
N ILE B 182 -8.91 15.39 3.63
CA ILE B 182 -10.14 16.07 3.24
C ILE B 182 -10.39 17.31 4.10
N GLU B 183 -10.41 18.46 3.42
CA GLU B 183 -10.61 19.75 4.06
C GLU B 183 -12.08 19.93 4.43
N PRO B 184 -12.36 20.53 5.61
CA PRO B 184 -13.75 20.80 5.95
C PRO B 184 -14.28 22.05 5.24
N LYS B 185 -14.19 22.06 3.92
CA LYS B 185 -14.63 23.21 3.14
C LYS B 185 -16.12 23.42 3.31
N PHE B 186 -16.54 24.68 3.27
CA PHE B 186 -17.93 25.05 3.45
C PHE B 186 -18.83 24.36 2.45
N ASP B 187 -19.95 23.83 2.94
CA ASP B 187 -20.93 23.15 2.11
C ASP B 187 -20.30 21.96 1.38
N ARG B 188 -19.58 21.13 2.12
CA ARG B 188 -19.04 19.88 1.57
C ARG B 188 -19.62 18.70 2.34
N LEU B 189 -19.96 17.66 1.58
CA LEU B 189 -20.52 16.43 2.12
C LEU B 189 -19.52 15.29 1.90
N LEU B 190 -19.33 14.47 2.93
CA LEU B 190 -18.34 13.38 2.85
C LEU B 190 -18.91 12.04 3.31
N PHE B 191 -18.72 11.02 2.48
CA PHE B 191 -19.11 9.66 2.82
C PHE B 191 -17.88 8.76 2.97
N PHE B 192 -17.90 7.87 3.95
CA PHE B 192 -16.90 6.80 3.98
C PHE B 192 -17.34 5.65 4.87
N TRP B 193 -16.85 4.45 4.55
CA TRP B 193 -17.18 3.27 5.36
C TRP B 193 -16.70 3.54 6.78
N SER B 194 -17.44 3.06 7.78
CA SER B 194 -17.12 3.35 9.18
C SER B 194 -16.24 2.28 9.82
N ASP B 195 -16.22 1.09 9.23
CA ASP B 195 -15.50 -0.04 9.81
C ASP B 195 -13.98 0.11 9.67
N ARG B 196 -13.25 -0.91 10.11
CA ARG B 196 -11.78 -0.91 10.13
C ARG B 196 -11.11 -0.49 8.82
N ARG B 197 -11.89 -0.40 7.74
CA ARG B 197 -11.34 -0.03 6.45
C ARG B 197 -10.92 1.44 6.37
N ASN B 198 -11.52 2.29 7.20
CA ASN B 198 -11.24 3.72 7.16
C ASN B 198 -10.81 4.28 8.51
N PRO B 199 -9.58 3.96 8.93
CA PRO B 199 -9.04 4.68 10.09
C PRO B 199 -8.74 6.11 9.71
N HIS B 200 -8.94 7.05 10.62
CA HIS B 200 -8.79 8.45 10.30
C HIS B 200 -8.55 9.33 11.52
N GLU B 201 -7.73 10.35 11.34
CA GLU B 201 -7.41 11.29 12.41
C GLU B 201 -7.74 12.69 11.92
N VAL B 202 -7.88 13.63 12.84
CA VAL B 202 -8.22 15.01 12.48
C VAL B 202 -7.14 15.97 12.93
N GLN B 203 -6.48 16.60 11.97
CA GLN B 203 -5.45 17.59 12.27
C GLN B 203 -6.11 18.68 13.13
N PRO B 204 -5.35 19.25 14.08
CA PRO B 204 -6.00 20.25 14.94
C PRO B 204 -6.31 21.55 14.22
N ALA B 205 -7.18 22.36 14.83
CA ALA B 205 -7.56 23.66 14.27
C ALA B 205 -7.37 24.75 15.32
N TYR B 206 -7.42 26.00 14.87
CA TYR B 206 -7.17 27.15 15.75
C TYR B 206 -8.39 28.07 15.88
N ALA B 207 -9.37 27.88 15.01
CA ALA B 207 -10.63 28.62 15.09
C ALA B 207 -11.79 27.65 15.31
N THR B 208 -12.91 28.16 15.80
CA THR B 208 -14.08 27.32 16.04
C THR B 208 -14.66 26.78 14.74
N ARG B 209 -14.96 25.48 14.72
CA ARG B 209 -15.52 24.83 13.55
C ARG B 209 -16.75 24.01 13.91
N TYR B 210 -17.72 24.01 13.00
CA TYR B 210 -18.96 23.28 13.17
C TYR B 210 -19.10 22.20 12.11
N ALA B 211 -19.67 21.06 12.48
CA ALA B 211 -19.91 20.00 11.51
C ALA B 211 -20.98 19.01 11.96
N ILE B 212 -21.69 18.44 11.00
CA ILE B 212 -22.81 17.55 11.29
C ILE B 212 -22.54 16.14 10.80
N THR B 213 -22.48 15.19 11.73
CA THR B 213 -22.14 13.81 11.40
C THR B 213 -23.36 12.89 11.50
N VAL B 214 -23.40 11.89 10.62
CA VAL B 214 -24.48 10.91 10.60
C VAL B 214 -23.96 9.54 10.20
N TRP B 215 -24.49 8.50 10.84
CA TRP B 215 -24.11 7.13 10.53
C TRP B 215 -25.31 6.36 9.98
N TYR B 216 -25.03 5.32 9.20
CA TYR B 216 -26.08 4.47 8.65
C TYR B 216 -25.81 3.01 9.03
N PHE B 217 -26.89 2.31 9.35
CA PHE B 217 -26.79 0.93 9.82
C PHE B 217 -26.91 -0.08 8.70
N ASP B 218 -26.26 -1.22 8.88
CA ASP B 218 -26.52 -2.38 8.04
C ASP B 218 -27.55 -3.21 8.79
N ALA B 219 -28.68 -3.48 8.14
CA ALA B 219 -29.81 -4.18 8.74
C ALA B 219 -29.38 -5.37 9.60
N ASP B 220 -28.45 -6.17 9.09
CA ASP B 220 -28.01 -7.36 9.79
C ASP B 220 -27.10 -7.02 10.96
N GLU B 221 -26.11 -6.17 10.73
CA GLU B 221 -25.13 -5.82 11.77
C GLU B 221 -25.82 -5.15 12.96
N ARG B 222 -26.56 -4.07 12.68
CA ARG B 222 -27.31 -3.37 13.71
C ARG B 222 -28.18 -4.32 14.51
N ALA B 223 -28.70 -5.35 13.84
CA ALA B 223 -29.55 -6.34 14.50
C ALA B 223 -28.75 -7.27 15.41
N ARG B 224 -27.74 -7.92 14.84
CA ARG B 224 -26.85 -8.80 15.59
C ARG B 224 -26.27 -8.07 16.80
N ALA B 225 -26.03 -6.78 16.65
CA ALA B 225 -25.48 -5.96 17.72
C ALA B 225 -26.43 -5.80 18.90
N LYS B 226 -27.70 -6.18 18.71
CA LYS B 226 -28.72 -5.94 19.71
C LYS B 226 -29.05 -7.17 20.57
N VAL B 227 -28.54 -8.33 20.19
CA VAL B 227 -28.80 -9.55 20.95
C VAL B 227 -28.12 -9.48 22.32
N LYS B 228 -27.14 -8.58 22.44
CA LYS B 228 -26.38 -8.40 23.67
C LYS B 228 -27.28 -7.97 24.83
N TYR B 229 -28.22 -7.08 24.52
CA TYR B 229 -29.00 -6.40 25.53
C TYR B 229 -30.19 -7.27 25.94
N LEU B 230 -31.07 -6.70 26.77
CA LEU B 230 -32.25 -7.42 27.24
C LEU B 230 -33.52 -6.62 27.00
N LEU C 14 -9.04 -37.36 -2.92
CA LEU C 14 -9.78 -36.37 -3.67
C LEU C 14 -9.03 -36.00 -4.96
N PRO C 15 -9.75 -35.92 -6.10
CA PRO C 15 -9.06 -35.56 -7.34
C PRO C 15 -8.55 -34.12 -7.30
N ALA C 16 -7.49 -33.84 -8.03
CA ALA C 16 -6.89 -32.50 -8.06
C ALA C 16 -7.89 -31.43 -8.44
N LEU C 17 -8.79 -31.76 -9.37
CA LEU C 17 -9.79 -30.80 -9.84
C LEU C 17 -10.78 -30.45 -8.73
N LYS C 18 -11.26 -31.46 -8.02
CA LYS C 18 -12.20 -31.25 -6.93
C LYS C 18 -11.54 -30.43 -5.84
N LEU C 19 -10.37 -30.88 -5.40
CA LEU C 19 -9.61 -30.17 -4.39
C LEU C 19 -9.36 -28.73 -4.82
N ALA C 20 -9.04 -28.54 -6.10
CA ALA C 20 -8.86 -27.20 -6.63
C ALA C 20 -10.07 -26.28 -6.67
N LEU C 21 -11.11 -26.74 -7.34
CA LEU C 21 -12.29 -25.90 -7.60
C LEU C 21 -13.23 -25.89 -6.39
N GLU C 22 -13.34 -27.00 -5.67
CA GLU C 22 -14.30 -27.08 -4.56
C GLU C 22 -13.73 -26.71 -3.18
N TYR C 23 -12.40 -26.69 -3.06
CA TYR C 23 -11.76 -26.34 -1.79
C TYR C 23 -10.83 -25.13 -1.92
N ILE C 24 -9.78 -25.25 -2.73
CA ILE C 24 -8.72 -24.23 -2.75
C ILE C 24 -9.20 -22.86 -3.24
N VAL C 25 -9.86 -22.82 -4.39
CA VAL C 25 -10.28 -21.55 -4.97
C VAL C 25 -11.14 -20.70 -4.01
N PRO C 26 -12.17 -21.30 -3.39
CA PRO C 26 -12.99 -20.50 -2.47
C PRO C 26 -12.24 -20.13 -1.18
N CYS C 27 -11.51 -21.09 -0.63
CA CYS C 27 -10.71 -20.87 0.57
C CYS C 27 -9.72 -19.73 0.34
N MET C 28 -9.17 -19.66 -0.86
CA MET C 28 -8.21 -18.62 -1.21
C MET C 28 -8.88 -17.26 -1.45
N ASN C 29 -10.15 -17.29 -1.82
CA ASN C 29 -10.88 -16.06 -2.12
C ASN C 29 -11.49 -15.46 -0.87
N LYS C 30 -11.97 -16.31 0.04
CA LYS C 30 -12.57 -15.84 1.27
C LYS C 30 -11.53 -15.38 2.28
N HIS C 31 -10.33 -15.97 2.19
CA HIS C 31 -9.26 -15.74 3.17
C HIS C 31 -7.92 -15.34 2.61
N GLY C 32 -7.50 -16.00 1.52
CA GLY C 32 -6.18 -15.76 0.99
C GLY C 32 -5.16 -16.64 1.67
N ILE C 33 -5.65 -17.61 2.43
CA ILE C 33 -4.80 -18.61 3.06
C ILE C 33 -5.52 -19.94 2.94
N CYS C 34 -4.79 -20.97 2.52
CA CYS C 34 -5.39 -22.30 2.38
C CYS C 34 -4.41 -23.41 2.72
N VAL C 35 -4.80 -24.25 3.67
CA VAL C 35 -4.01 -25.41 4.05
C VAL C 35 -4.58 -26.67 3.40
N VAL C 36 -3.69 -27.58 3.01
CA VAL C 36 -4.07 -28.85 2.40
C VAL C 36 -3.24 -29.97 3.05
N ASP C 37 -3.89 -30.72 3.92
CA ASP C 37 -3.22 -31.81 4.63
C ASP C 37 -3.23 -33.09 3.78
N ASP C 38 -2.18 -33.90 3.95
CA ASP C 38 -2.04 -35.14 3.19
C ASP C 38 -2.14 -34.86 1.70
N PHE C 39 -1.16 -34.13 1.18
CA PHE C 39 -1.15 -33.72 -0.21
C PHE C 39 -0.71 -34.86 -1.14
N LEU C 40 0.39 -35.51 -0.80
CA LEU C 40 0.96 -36.57 -1.64
C LEU C 40 1.07 -37.91 -0.90
N GLY C 41 0.63 -37.94 0.35
CA GLY C 41 0.67 -39.17 1.13
C GLY C 41 2.04 -39.47 1.68
N LYS C 42 2.06 -40.15 2.84
CA LYS C 42 3.31 -40.52 3.50
C LYS C 42 4.19 -41.36 2.58
N GLU C 43 3.55 -41.99 1.59
CA GLU C 43 4.26 -42.79 0.62
C GLU C 43 5.30 -41.95 -0.14
N THR C 44 4.81 -40.99 -0.91
CA THR C 44 5.68 -40.14 -1.74
C THR C 44 6.40 -39.07 -0.91
N GLY C 45 5.69 -38.55 0.10
CA GLY C 45 6.24 -37.52 0.96
C GLY C 45 7.59 -37.93 1.54
N GLN C 46 7.65 -39.17 2.00
CA GLN C 46 8.88 -39.72 2.56
C GLN C 46 10.01 -39.63 1.53
N GLN C 47 9.72 -39.95 0.27
CA GLN C 47 10.73 -39.89 -0.78
C GLN C 47 11.18 -38.46 -1.04
N ILE C 48 10.23 -37.53 -1.07
CA ILE C 48 10.58 -36.12 -1.24
C ILE C 48 11.53 -35.71 -0.11
N GLY C 49 11.16 -36.06 1.11
CA GLY C 49 11.97 -35.79 2.28
C GLY C 49 13.37 -36.34 2.13
N ASP C 50 13.48 -37.63 1.82
CA ASP C 50 14.77 -38.29 1.65
C ASP C 50 15.61 -37.57 0.61
N GLU C 51 15.00 -37.25 -0.54
CA GLU C 51 15.67 -36.51 -1.60
C GLU C 51 16.25 -35.20 -1.07
N VAL C 52 15.44 -34.43 -0.35
CA VAL C 52 15.91 -33.17 0.24
C VAL C 52 17.03 -33.35 1.27
N ARG C 53 16.77 -34.14 2.31
CA ARG C 53 17.77 -34.42 3.33
C ARG C 53 19.09 -34.86 2.74
N ALA C 54 19.02 -35.78 1.77
CA ALA C 54 20.22 -36.23 1.06
C ALA C 54 20.82 -35.08 0.27
N LEU C 55 19.96 -34.32 -0.39
CA LEU C 55 20.38 -33.17 -1.18
C LEU C 55 21.18 -32.16 -0.36
N HIS C 56 20.80 -31.97 0.90
CA HIS C 56 21.48 -31.02 1.77
C HIS C 56 22.64 -31.57 2.63
N ASP C 57 23.34 -32.59 2.11
CA ASP C 57 24.55 -33.09 2.78
C ASP C 57 25.79 -32.90 1.91
N THR C 58 25.60 -32.39 0.69
CA THR C 58 26.70 -32.14 -0.22
C THR C 58 27.29 -30.74 0.01
N ARG C 78 26.13 -22.80 11.35
CA ARG C 78 24.93 -23.59 11.15
C ARG C 78 23.73 -22.70 10.81
N GLY C 79 23.87 -21.89 9.76
CA GLY C 79 22.81 -21.02 9.32
C GLY C 79 21.84 -21.74 8.40
N ASP C 80 20.80 -21.03 7.96
CA ASP C 80 19.79 -21.61 7.05
C ASP C 80 20.37 -21.86 5.66
N LYS C 81 20.17 -23.07 5.14
CA LYS C 81 20.66 -23.43 3.81
C LYS C 81 19.48 -23.40 2.85
N ILE C 82 19.73 -22.97 1.62
CA ILE C 82 18.72 -23.01 0.58
C ILE C 82 19.35 -23.32 -0.76
N THR C 83 18.77 -24.28 -1.49
CA THR C 83 19.25 -24.59 -2.83
C THR C 83 18.06 -24.74 -3.77
N TRP C 84 18.04 -23.95 -4.83
CA TRP C 84 16.93 -23.95 -5.78
C TRP C 84 16.97 -25.16 -6.69
N ILE C 85 15.81 -25.81 -6.83
CA ILE C 85 15.71 -27.03 -7.61
C ILE C 85 14.72 -26.87 -8.75
N GLU C 86 15.16 -27.25 -9.95
CA GLU C 86 14.36 -27.16 -11.15
C GLU C 86 13.37 -28.33 -11.21
N GLY C 87 13.81 -29.48 -10.68
CA GLY C 87 13.00 -30.68 -10.65
C GLY C 87 13.59 -31.75 -11.55
N LYS C 88 14.31 -31.31 -12.58
CA LYS C 88 14.87 -32.22 -13.57
C LYS C 88 16.19 -32.82 -13.13
N GLU C 89 16.86 -32.17 -12.18
CA GLU C 89 18.15 -32.62 -11.68
C GLU C 89 18.10 -34.05 -11.14
N PRO C 90 19.24 -34.75 -11.12
CA PRO C 90 19.29 -36.11 -10.57
C PRO C 90 19.02 -36.14 -9.08
N GLY C 91 18.35 -37.21 -8.62
CA GLY C 91 18.01 -37.35 -7.22
C GLY C 91 17.02 -36.31 -6.75
N CYS C 92 16.41 -35.60 -7.70
CA CYS C 92 15.41 -34.58 -7.40
C CYS C 92 14.14 -34.81 -8.22
N GLU C 93 13.88 -36.09 -8.52
CA GLU C 93 12.73 -36.47 -9.32
C GLU C 93 11.45 -36.18 -8.56
N THR C 94 11.36 -36.73 -7.37
CA THR C 94 10.16 -36.63 -6.54
C THR C 94 9.86 -35.17 -6.20
N ILE C 95 10.91 -34.37 -6.03
CA ILE C 95 10.74 -32.94 -5.82
C ILE C 95 10.01 -32.36 -7.04
N GLY C 96 10.52 -32.68 -8.22
CA GLY C 96 9.89 -32.28 -9.46
C GLY C 96 8.44 -32.75 -9.52
N LEU C 97 8.21 -33.96 -9.00
CA LEU C 97 6.85 -34.50 -8.90
C LEU C 97 5.96 -33.55 -8.10
N LEU C 98 6.42 -33.22 -6.89
CA LEU C 98 5.71 -32.27 -6.04
C LEU C 98 5.41 -31.00 -6.82
N MET C 99 6.42 -30.45 -7.48
CA MET C 99 6.22 -29.24 -8.28
C MET C 99 5.14 -29.42 -9.34
N SER C 100 5.20 -30.54 -10.06
CA SER C 100 4.20 -30.82 -11.09
C SER C 100 2.79 -30.82 -10.49
N SER C 101 2.61 -31.64 -9.45
CA SER C 101 1.31 -31.74 -8.81
C SER C 101 0.85 -30.39 -8.26
N MET C 102 1.78 -29.52 -7.87
CA MET C 102 1.43 -28.13 -7.51
C MET C 102 0.89 -27.38 -8.74
N ASP C 103 1.64 -27.43 -9.83
CA ASP C 103 1.23 -26.77 -11.06
C ASP C 103 -0.16 -27.20 -11.51
N ASP C 104 -0.46 -28.49 -11.42
CA ASP C 104 -1.80 -28.97 -11.78
C ASP C 104 -2.90 -28.25 -11.00
N LEU C 105 -2.73 -28.16 -9.69
CA LEU C 105 -3.67 -27.41 -8.86
C LEU C 105 -3.79 -26.02 -9.41
N ILE C 106 -2.65 -25.39 -9.68
CA ILE C 106 -2.68 -24.04 -10.28
C ILE C 106 -3.40 -24.02 -11.63
N ARG C 107 -3.28 -25.09 -12.40
CA ARG C 107 -3.97 -25.15 -13.70
C ARG C 107 -5.48 -25.19 -13.50
N HIS C 108 -5.93 -25.98 -12.55
CA HIS C 108 -7.35 -26.10 -12.28
C HIS C 108 -7.97 -24.80 -11.74
N CYS C 109 -7.16 -23.95 -11.12
CA CYS C 109 -7.65 -22.69 -10.58
C CYS C 109 -7.50 -21.53 -11.57
N ASN C 110 -6.99 -21.84 -12.76
CA ASN C 110 -6.78 -20.83 -13.80
C ASN C 110 -7.97 -19.91 -13.99
N GLY C 111 -7.75 -18.62 -13.77
CA GLY C 111 -8.78 -17.60 -13.96
C GLY C 111 -9.66 -17.42 -12.74
N LYS C 112 -9.95 -18.52 -12.06
CA LYS C 112 -10.83 -18.49 -10.89
C LYS C 112 -10.08 -18.11 -9.61
N LEU C 113 -8.74 -18.09 -9.67
CA LEU C 113 -7.95 -17.83 -8.47
C LEU C 113 -7.72 -16.34 -8.28
N GLY C 114 -8.47 -15.75 -7.36
CA GLY C 114 -8.43 -14.32 -7.16
C GLY C 114 -8.76 -13.61 -8.46
N SER C 115 -7.92 -12.62 -8.80
CA SER C 115 -8.07 -11.90 -10.05
C SER C 115 -6.78 -12.01 -10.85
N TYR C 116 -5.99 -13.04 -10.55
CA TYR C 116 -4.68 -13.22 -11.15
C TYR C 116 -4.69 -14.14 -12.37
N LYS C 117 -3.89 -13.80 -13.36
CA LYS C 117 -3.64 -14.64 -14.52
C LYS C 117 -2.25 -15.27 -14.40
N ILE C 118 -2.15 -16.40 -13.72
CA ILE C 118 -0.86 -17.05 -13.52
C ILE C 118 -0.23 -17.72 -14.75
N ASN C 119 0.96 -17.27 -15.11
CA ASN C 119 1.71 -17.83 -16.23
C ASN C 119 3.14 -18.29 -15.94
N GLY C 120 3.61 -17.96 -14.74
CA GLY C 120 4.98 -18.24 -14.35
C GLY C 120 5.09 -18.89 -12.98
N ARG C 121 6.31 -19.27 -12.63
CA ARG C 121 6.60 -19.93 -11.37
C ARG C 121 8.10 -19.79 -11.07
N THR C 122 8.48 -19.96 -9.81
CA THR C 122 9.89 -19.93 -9.44
C THR C 122 10.40 -21.33 -9.21
N LYS C 123 11.70 -21.53 -9.33
CA LYS C 123 12.30 -22.83 -9.01
C LYS C 123 11.94 -23.22 -7.58
N ALA C 124 11.98 -24.51 -7.28
CA ALA C 124 11.62 -24.99 -5.95
C ALA C 124 12.69 -24.59 -4.95
N MET C 125 12.34 -23.69 -4.04
CA MET C 125 13.25 -23.29 -2.99
C MET C 125 13.28 -24.38 -1.92
N VAL C 126 14.21 -25.30 -2.06
CA VAL C 126 14.43 -26.34 -1.05
C VAL C 126 15.28 -25.73 0.05
N ALA C 127 14.63 -25.51 1.19
CA ALA C 127 15.23 -24.80 2.31
C ALA C 127 15.33 -25.65 3.57
N CYS C 128 16.54 -25.66 4.12
CA CYS C 128 16.84 -26.32 5.40
C CYS C 128 17.11 -25.27 6.47
N TYR C 129 16.21 -25.14 7.43
CA TYR C 129 16.29 -24.10 8.45
C TYR C 129 17.07 -24.71 9.62
N PRO C 130 17.77 -23.86 10.40
CA PRO C 130 18.70 -24.32 11.45
C PRO C 130 18.09 -25.04 12.66
N GLY C 131 17.06 -24.45 13.25
CA GLY C 131 16.46 -24.98 14.47
C GLY C 131 17.25 -24.71 15.73
N ASN C 132 17.90 -23.55 15.78
CA ASN C 132 18.76 -23.18 16.88
C ASN C 132 18.03 -22.43 17.99
N GLY C 133 17.04 -21.63 17.60
CA GLY C 133 16.29 -20.80 18.53
C GLY C 133 16.15 -19.39 17.98
N THR C 134 16.07 -19.29 16.66
CA THR C 134 15.90 -18.02 15.96
C THR C 134 14.72 -18.09 15.01
N GLY C 135 13.77 -17.19 15.20
CA GLY C 135 12.63 -17.08 14.31
C GLY C 135 12.91 -16.02 13.25
N TYR C 136 12.01 -15.88 12.30
CA TYR C 136 12.16 -14.90 11.24
C TYR C 136 11.13 -13.80 11.43
N VAL C 137 11.62 -12.57 11.51
CA VAL C 137 10.80 -11.40 11.81
C VAL C 137 9.60 -11.28 10.89
N ARG C 138 8.52 -10.71 11.41
CA ARG C 138 7.30 -10.48 10.63
C ARG C 138 7.60 -9.67 9.38
N HIS C 139 7.08 -10.12 8.24
CA HIS C 139 7.31 -9.47 6.96
C HIS C 139 6.27 -9.87 5.92
N VAL C 140 6.45 -9.36 4.71
CA VAL C 140 5.57 -9.72 3.59
C VAL C 140 6.44 -10.11 2.40
N ASP C 141 6.08 -11.19 1.72
CA ASP C 141 6.88 -11.72 0.63
C ASP C 141 7.06 -10.70 -0.50
N ASN C 142 5.94 -10.27 -1.08
CA ASN C 142 5.95 -9.33 -2.20
C ASN C 142 5.35 -7.97 -1.82
N PRO C 143 6.17 -7.05 -1.34
CA PRO C 143 5.68 -5.71 -0.97
C PRO C 143 5.71 -4.67 -2.11
N ASN C 144 6.61 -4.82 -3.08
CA ASN C 144 6.76 -3.83 -4.14
C ASN C 144 6.17 -4.26 -5.48
N GLY C 145 5.46 -5.39 -5.50
CA GLY C 145 4.86 -5.88 -6.73
C GLY C 145 5.88 -6.42 -7.70
N ASP C 146 6.71 -7.35 -7.22
CA ASP C 146 7.76 -7.96 -8.05
C ASP C 146 7.22 -9.05 -8.97
N GLY C 147 5.91 -9.25 -8.96
CA GLY C 147 5.26 -10.22 -9.84
C GLY C 147 4.64 -11.40 -9.11
N ARG C 148 5.27 -11.83 -8.03
CA ARG C 148 4.75 -12.94 -7.24
C ARG C 148 3.43 -12.65 -6.54
N CYS C 149 2.45 -13.54 -6.69
CA CYS C 149 1.14 -13.34 -6.10
C CYS C 149 0.65 -14.46 -5.16
N VAL C 150 1.24 -15.65 -5.29
CA VAL C 150 0.84 -16.79 -4.49
C VAL C 150 2.06 -17.54 -3.93
N THR C 151 2.19 -17.55 -2.60
CA THR C 151 3.20 -18.34 -1.94
C THR C 151 2.64 -19.73 -1.66
N CYS C 152 3.43 -20.74 -1.99
CA CYS C 152 3.01 -22.13 -1.91
C CYS C 152 4.09 -22.99 -1.26
N ILE C 153 3.84 -23.44 -0.04
CA ILE C 153 4.85 -24.15 0.74
C ILE C 153 4.45 -25.59 1.06
N TYR C 154 5.43 -26.50 0.98
CA TYR C 154 5.20 -27.91 1.25
C TYR C 154 6.16 -28.38 2.34
N TYR C 155 5.62 -28.95 3.42
CA TYR C 155 6.44 -29.37 4.56
C TYR C 155 6.76 -30.86 4.53
N LEU C 156 7.98 -31.21 4.95
CA LEU C 156 8.44 -32.60 4.92
C LEU C 156 8.87 -33.13 6.29
N ASN C 157 8.54 -32.43 7.37
CA ASN C 157 9.03 -32.81 8.69
C ASN C 157 8.17 -33.90 9.36
N LYS C 158 8.62 -35.16 9.25
CA LYS C 158 7.89 -36.30 9.80
C LYS C 158 7.77 -36.20 11.32
N ASP C 159 6.58 -36.50 11.83
CA ASP C 159 6.31 -36.50 13.26
C ASP C 159 6.82 -35.24 13.95
N TRP C 160 6.50 -34.08 13.37
CA TRP C 160 6.97 -32.81 13.90
C TRP C 160 5.96 -32.21 14.88
N ASP C 161 6.23 -32.38 16.17
CA ASP C 161 5.36 -31.80 17.19
C ASP C 161 5.70 -30.32 17.35
N ALA C 162 4.82 -29.48 16.82
CA ALA C 162 5.02 -28.03 16.88
C ALA C 162 5.05 -27.52 18.32
N LYS C 163 4.43 -28.28 19.23
CA LYS C 163 4.38 -27.90 20.64
C LYS C 163 5.66 -28.28 21.38
N VAL C 164 6.59 -28.91 20.67
CA VAL C 164 7.86 -29.33 21.24
C VAL C 164 9.04 -28.68 20.51
N SER C 165 8.97 -28.64 19.18
CA SER C 165 10.07 -28.14 18.36
C SER C 165 9.78 -26.77 17.75
N GLY C 166 8.50 -26.38 17.75
CA GLY C 166 8.12 -25.05 17.27
C GLY C 166 8.22 -24.91 15.77
N GLY C 167 8.76 -23.77 15.33
CA GLY C 167 8.91 -23.51 13.91
C GLY C 167 7.60 -23.21 13.24
N ILE C 168 6.65 -22.69 14.01
CA ILE C 168 5.31 -22.40 13.51
C ILE C 168 5.27 -21.11 12.70
N LEU C 169 4.43 -21.09 11.66
CA LEU C 169 4.29 -19.90 10.81
C LEU C 169 3.04 -19.13 11.20
N ARG C 170 3.23 -17.94 11.78
CA ARG C 170 2.11 -17.09 12.17
C ARG C 170 1.80 -16.07 11.09
N ILE C 171 0.58 -16.16 10.54
CA ILE C 171 0.12 -15.24 9.51
C ILE C 171 -0.95 -14.32 10.07
N PHE C 172 -0.85 -13.05 9.66
CA PHE C 172 -1.79 -12.00 10.07
C PHE C 172 -2.47 -11.58 8.76
N PRO C 173 -3.66 -12.12 8.48
CA PRO C 173 -4.38 -11.79 7.26
C PRO C 173 -4.86 -10.37 7.54
N GLU C 174 -4.39 -9.42 6.73
CA GLU C 174 -4.73 -8.01 6.86
C GLU C 174 -6.23 -7.85 6.64
N GLY C 175 -6.87 -7.13 7.57
CA GLY C 175 -8.29 -6.87 7.50
C GLY C 175 -9.09 -7.74 8.45
N LYS C 176 -8.74 -9.02 8.51
CA LYS C 176 -9.45 -9.98 9.35
C LYS C 176 -9.03 -9.85 10.81
N ALA C 177 -10.01 -9.91 11.71
CA ALA C 177 -9.77 -9.71 13.13
C ALA C 177 -9.24 -10.97 13.83
N GLN C 178 -8.73 -11.90 13.03
CA GLN C 178 -8.13 -13.12 13.56
C GLN C 178 -6.78 -13.33 12.87
N PHE C 179 -5.99 -14.26 13.39
CA PHE C 179 -4.71 -14.60 12.77
C PHE C 179 -4.50 -16.10 12.95
N ALA C 180 -3.51 -16.66 12.26
CA ALA C 180 -3.34 -18.12 12.31
C ALA C 180 -1.91 -18.60 12.46
N ASP C 181 -1.79 -19.73 13.14
CA ASP C 181 -0.51 -20.38 13.38
C ASP C 181 -0.56 -21.67 12.57
N ILE C 182 0.27 -21.77 11.54
CA ILE C 182 0.27 -22.95 10.68
C ILE C 182 1.47 -23.78 11.10
N GLU C 183 1.18 -25.03 11.45
CA GLU C 183 2.20 -25.97 11.90
C GLU C 183 2.86 -26.63 10.70
N PRO C 184 4.20 -26.76 10.73
CA PRO C 184 4.88 -27.40 9.60
C PRO C 184 4.65 -28.91 9.55
N LYS C 185 3.37 -29.29 9.48
CA LYS C 185 2.98 -30.69 9.52
C LYS C 185 3.48 -31.41 8.28
N PHE C 186 4.01 -32.62 8.46
CA PHE C 186 4.52 -33.42 7.35
C PHE C 186 3.48 -33.59 6.25
N ASP C 187 3.93 -33.49 5.00
CA ASP C 187 3.07 -33.67 3.83
C ASP C 187 1.95 -32.62 3.80
N ARG C 188 2.19 -31.46 4.40
CA ARG C 188 1.22 -30.37 4.34
C ARG C 188 1.59 -29.40 3.24
N LEU C 189 0.56 -28.92 2.54
CA LEU C 189 0.71 -27.91 1.50
C LEU C 189 -0.02 -26.64 1.94
N LEU C 190 0.62 -25.48 1.78
CA LEU C 190 0.04 -24.21 2.22
C LEU C 190 0.10 -23.13 1.15
N PHE C 191 -1.06 -22.61 0.79
CA PHE C 191 -1.20 -21.50 -0.16
C PHE C 191 -1.51 -20.21 0.55
N PHE C 192 -0.91 -19.10 0.12
CA PHE C 192 -1.41 -17.80 0.56
C PHE C 192 -0.92 -16.65 -0.30
N TRP C 193 -1.72 -15.58 -0.36
CA TRP C 193 -1.37 -14.38 -1.11
C TRP C 193 -0.01 -13.87 -0.67
N SER C 194 0.75 -13.31 -1.61
CA SER C 194 2.12 -12.86 -1.32
C SER C 194 2.20 -11.36 -1.02
N ASP C 195 1.15 -10.62 -1.35
CA ASP C 195 1.14 -9.17 -1.18
C ASP C 195 0.90 -8.75 0.27
N ARG C 196 0.78 -7.45 0.48
CA ARG C 196 0.57 -6.87 1.81
C ARG C 196 -0.59 -7.48 2.60
N ARG C 197 -1.37 -8.34 1.95
CA ARG C 197 -2.55 -8.92 2.57
C ARG C 197 -2.21 -9.95 3.65
N ASN C 198 -1.04 -10.57 3.52
CA ASN C 198 -0.64 -11.63 4.46
C ASN C 198 0.76 -11.46 5.01
N PRO C 199 0.94 -10.46 5.90
CA PRO C 199 2.22 -10.43 6.61
C PRO C 199 2.30 -11.61 7.56
N HIS C 200 3.52 -12.04 7.88
CA HIS C 200 3.67 -13.26 8.68
C HIS C 200 5.07 -13.41 9.27
N GLU C 201 5.14 -14.05 10.44
CA GLU C 201 6.41 -14.29 11.11
C GLU C 201 6.55 -15.78 11.41
N VAL C 202 7.79 -16.23 11.45
CA VAL C 202 8.08 -17.64 11.73
C VAL C 202 8.62 -17.80 13.14
N GLN C 203 7.91 -18.58 13.95
CA GLN C 203 8.34 -18.82 15.33
C GLN C 203 9.63 -19.62 15.32
N PRO C 204 10.49 -19.43 16.34
CA PRO C 204 11.76 -20.16 16.33
C PRO C 204 11.60 -21.67 16.44
N ALA C 205 12.54 -22.41 15.86
CA ALA C 205 12.52 -23.86 15.91
C ALA C 205 13.63 -24.38 16.82
N TYR C 206 13.41 -25.57 17.38
CA TYR C 206 14.38 -26.21 18.26
C TYR C 206 14.79 -27.56 17.69
N ALA C 207 14.77 -27.65 16.37
CA ALA C 207 15.18 -28.86 15.68
C ALA C 207 15.30 -28.57 14.18
N THR C 208 16.13 -29.35 13.50
CA THR C 208 16.37 -29.15 12.07
C THR C 208 15.05 -29.20 11.29
N ARG C 209 14.83 -28.21 10.44
CA ARG C 209 13.58 -28.08 9.69
C ARG C 209 13.78 -28.04 8.19
N TYR C 210 12.85 -28.65 7.47
CA TYR C 210 12.90 -28.71 6.01
C TYR C 210 11.59 -28.24 5.38
N ALA C 211 11.68 -27.34 4.40
CA ALA C 211 10.47 -26.87 3.71
C ALA C 211 10.74 -26.35 2.31
N ILE C 212 10.01 -26.91 1.35
CA ILE C 212 10.12 -26.50 -0.05
C ILE C 212 9.11 -25.40 -0.36
N THR C 213 9.58 -24.31 -0.94
CA THR C 213 8.71 -23.17 -1.26
C THR C 213 8.74 -22.79 -2.73
N VAL C 214 7.57 -22.44 -3.28
CA VAL C 214 7.48 -21.91 -4.64
C VAL C 214 6.49 -20.75 -4.69
N TRP C 215 6.80 -19.77 -5.55
CA TRP C 215 5.92 -18.65 -5.79
C TRP C 215 5.40 -18.69 -7.20
N TYR C 216 4.24 -18.09 -7.42
CA TYR C 216 3.66 -18.01 -8.76
C TYR C 216 3.50 -16.54 -9.16
N PHE C 217 3.78 -16.27 -10.43
CA PHE C 217 3.72 -14.89 -10.91
C PHE C 217 2.40 -14.62 -11.63
N ASP C 218 1.93 -13.39 -11.51
CA ASP C 218 0.79 -12.93 -12.30
C ASP C 218 1.32 -12.37 -13.61
N ALA C 219 0.84 -12.94 -14.72
CA ALA C 219 1.29 -12.59 -16.07
C ALA C 219 1.56 -11.10 -16.24
N ASP C 220 0.56 -10.27 -15.95
CA ASP C 220 0.71 -8.83 -16.09
C ASP C 220 1.79 -8.29 -15.15
N GLU C 221 1.54 -8.37 -13.86
CA GLU C 221 2.42 -7.83 -12.82
C GLU C 221 3.90 -8.07 -13.11
N ARG C 222 4.26 -9.35 -13.27
CA ARG C 222 5.65 -9.71 -13.50
C ARG C 222 6.19 -9.03 -14.76
N ALA C 223 5.31 -8.79 -15.73
CA ALA C 223 5.71 -8.11 -16.95
C ALA C 223 5.87 -6.62 -16.66
N ARG C 224 4.98 -6.08 -15.84
CA ARG C 224 5.04 -4.69 -15.44
C ARG C 224 6.32 -4.45 -14.63
N ALA C 225 6.78 -5.49 -13.93
CA ALA C 225 8.03 -5.41 -13.17
C ALA C 225 9.24 -5.15 -14.06
N LYS C 226 9.45 -6.00 -15.07
CA LYS C 226 10.61 -5.89 -15.97
C LYS C 226 10.80 -4.49 -16.54
N VAL C 227 9.70 -3.79 -16.77
CA VAL C 227 9.70 -2.51 -17.47
C VAL C 227 10.74 -1.53 -16.94
N LYS C 228 10.96 -1.53 -15.64
CA LYS C 228 11.85 -0.55 -15.01
C LYS C 228 13.34 -0.80 -15.29
N TYR C 229 13.66 -1.97 -15.82
CA TYR C 229 15.05 -2.35 -16.05
C TYR C 229 15.49 -2.08 -17.49
N LEU C 230 16.79 -1.82 -17.66
CA LEU C 230 17.34 -1.49 -18.96
C LEU C 230 17.48 -2.71 -19.88
N THR C 231 17.26 -2.49 -21.18
CA THR C 231 17.35 -3.57 -22.17
C THR C 231 18.76 -4.14 -22.24
MN MN D . 9.72 6.22 -1.88
OAA R8J E . 9.82 1.54 -5.45
OAB R8J E . 7.54 8.58 -6.02
OAC R8J E . 8.55 1.92 -7.16
CAD R8J E . 6.37 12.44 -4.93
CAE R8J E . 7.90 4.42 -6.22
CAF R8J E . 7.69 5.71 -5.74
CAG R8J E . 6.28 11.13 -4.80
CAH R8J E . 9.54 4.08 -4.53
CAI R8J E . 8.17 9.05 -2.80
NAJ R8J E . 7.57 12.77 -4.45
NAK R8J E . 9.32 5.37 -4.06
NAL R8J E . 8.14 11.76 -4.08
NAM R8J E . 8.43 7.75 -2.96
CAN R8J E . 9.07 2.30 -6.09
CAO R8J E . 8.84 3.59 -5.62
CAP R8J E . 8.41 6.17 -4.65
CAQ R8J E . 7.79 9.50 -3.98
CAR R8J E . 7.83 8.50 -4.83
NAS R8J E . 7.44 10.76 -4.27
NAT R8J E . 8.23 7.41 -4.16
MN MN F . -14.60 9.37 13.35
OAA R8J G . -18.20 6.83 17.62
OAB R8J G . -16.03 13.63 15.65
OAC R8J G . -19.37 8.43 18.51
CAD R8J G . -13.92 16.68 13.74
CAE R8J G . -18.21 10.30 16.88
CAF R8J G . -17.53 11.20 16.07
CAG R8J G . -14.24 15.58 14.39
CAH R8J G . -16.75 8.57 16.11
CAI R8J G . -14.71 12.42 12.84
NAJ R8J G . -14.04 16.37 12.45
NAK R8J G . -16.08 9.50 15.31
NAL R8J G . -14.42 15.22 12.35
NAM R8J G . -15.26 11.34 13.41
CAN R8J G . -18.48 8.05 17.70
CAO R8J G . -17.81 8.97 16.90
CAP R8J G . -16.46 10.79 15.29
CAQ R8J G . -14.95 13.43 13.67
CAR R8J G . -15.63 12.96 14.69
NAS R8J G . -14.56 14.68 13.46
NAT R8J G . -15.82 11.65 14.51
MN MN H . 7.60 -15.38 4.00
OAA R8J I . 10.82 -12.23 0.79
OAB R8J I . 10.81 -18.18 4.76
OAC R8J I . 11.95 -13.61 -0.44
CAD R8J I . 8.51 -21.73 6.99
CAE R8J I . 11.20 -15.74 1.13
CAF R8J I . 10.68 -16.79 1.87
CAG R8J I . 7.99 -20.98 6.05
CAH R8J I . 9.56 -14.28 2.08
CAI R8J I . 7.67 -19.03 4.07
NAJ R8J I . 9.76 -21.29 7.14
NAK R8J I . 9.04 -15.36 2.80
NAL R8J I . 9.94 -20.37 6.35
NAM R8J I . 7.90 -18.01 3.23
CAN R8J I . 11.15 -13.40 0.51
CAO R8J I . 10.65 -14.47 1.23
CAP R8J I . 9.59 -16.58 2.70
CAQ R8J I . 8.79 -19.21 4.75
CAR R8J I . 9.66 -18.32 4.33
NAS R8J I . 8.95 -20.14 5.69
NAT R8J I . 9.07 -17.59 3.40
#